data_5ZH6
#
_entry.id   5ZH6
#
_cell.length_a   44.870
_cell.length_b   41.800
_cell.length_c   60.340
_cell.angle_alpha   90.00
_cell.angle_beta   110.41
_cell.angle_gamma   90.00
#
_symmetry.space_group_name_H-M   'P 1 21 1'
#
loop_
_entity.id
_entity.type
_entity.pdbx_description
1 polymer 'Parvalbumin SPV-II'
2 non-polymer 'CALCIUM ION'
3 non-polymer 'SULFATE ION'
4 water water
#
_entity_poly.entity_id   1
_entity_poly.type   'polypeptide(L)'
_entity_poly.pdbx_seq_one_letter_code
;GSITTVLNATDIAKALAQCAGSFNHKTFFVTSGLTNKSDANLAKVFDILDQDRSGFIEVDELKLFLQNFSATARELDETE
TNAFLAAGDSDHDGKIGVDEFKAMVKA
;
_entity_poly.pdbx_strand_id   A,B
#
loop_
_chem_comp.id
_chem_comp.type
_chem_comp.name
_chem_comp.formula
CA non-polymer 'CALCIUM ION' 'Ca 2'
SO4 non-polymer 'SULFATE ION' 'O4 S -2'
#
# COMPACT_ATOMS: atom_id res chain seq x y z
N GLY A 1 4.69 -20.40 14.25
CA GLY A 1 4.36 -20.22 15.65
C GLY A 1 4.12 -18.76 15.98
N SER A 2 5.00 -18.22 16.82
CA SER A 2 4.88 -16.84 17.26
C SER A 2 5.13 -15.90 16.09
N ILE A 3 4.94 -14.62 16.35
CA ILE A 3 5.09 -13.67 15.25
C ILE A 3 6.53 -13.60 14.72
N THR A 4 7.54 -13.92 15.55
CA THR A 4 8.91 -13.84 15.04
C THR A 4 9.32 -15.10 14.29
N THR A 5 8.40 -16.07 14.12
CA THR A 5 8.62 -17.08 13.10
C THR A 5 8.22 -16.58 11.73
N VAL A 6 7.52 -15.44 11.68
CA VAL A 6 7.10 -14.81 10.43
C VAL A 6 7.99 -13.65 10.06
N LEU A 7 8.24 -12.76 11.03
CA LEU A 7 8.92 -11.50 10.86
C LEU A 7 10.18 -11.44 11.69
N ASN A 8 11.05 -10.49 11.36
CA ASN A 8 12.23 -10.23 12.17
C ASN A 8 11.90 -9.32 13.34
N ALA A 9 12.45 -9.65 14.52
CA ALA A 9 12.16 -8.85 15.70
C ALA A 9 12.61 -7.40 15.51
N THR A 10 13.74 -7.19 14.82
CA THR A 10 14.25 -5.85 14.68
C THR A 10 13.29 -5.02 13.86
N ASP A 11 12.67 -5.66 12.85
CA ASP A 11 11.74 -4.98 11.97
C ASP A 11 10.46 -4.64 12.70
N ILE A 12 9.97 -5.58 13.52
CA ILE A 12 8.82 -5.33 14.37
C ILE A 12 9.09 -4.18 15.29
N ALA A 13 10.26 -4.15 15.95
CA ALA A 13 10.56 -3.05 16.85
C ALA A 13 10.54 -1.71 16.13
N LYS A 14 11.15 -1.64 14.93
CA LYS A 14 11.16 -0.36 14.22
C LYS A 14 9.75 0.02 13.79
N ALA A 15 8.97 -0.94 13.32
CA ALA A 15 7.60 -0.60 12.90
C ALA A 15 6.78 -0.09 14.07
N LEU A 16 6.94 -0.69 15.25
CA LEU A 16 6.20 -0.23 16.44
C LEU A 16 6.67 1.15 16.87
N ALA A 17 7.98 1.38 16.92
CA ALA A 17 8.45 2.68 17.40
C ALA A 17 7.99 3.80 16.48
N GLN A 18 7.95 3.55 15.18
CA GLN A 18 7.62 4.65 14.27
C GLN A 18 6.13 4.96 14.26
N CYS A 19 5.28 4.08 14.78
CA CYS A 19 3.85 4.40 14.88
C CYS A 19 3.40 4.69 16.30
N ALA A 20 4.35 4.83 17.24
CA ALA A 20 3.92 5.20 18.60
C ALA A 20 2.99 6.42 18.58
N GLY A 21 3.31 7.45 17.78
CA GLY A 21 2.45 8.62 17.76
C GLY A 21 1.27 8.48 16.84
N SER A 22 1.52 7.96 15.63
CA SER A 22 0.57 7.94 14.52
C SER A 22 0.77 6.68 13.72
N PHE A 23 -0.27 5.83 13.61
CA PHE A 23 -0.16 4.62 12.81
C PHE A 23 -0.76 4.79 11.41
N ASN A 24 -0.09 4.17 10.44
CA ASN A 24 -0.60 4.12 9.07
C ASN A 24 -0.38 2.67 8.64
N HIS A 25 -1.44 1.97 8.24
CA HIS A 25 -1.29 0.53 8.05
C HIS A 25 -0.32 0.21 6.90
N LYS A 26 -0.32 1.00 5.82
CA LYS A 26 0.61 0.72 4.74
C LYS A 26 2.06 0.88 5.21
N THR A 27 2.34 1.94 5.99
CA THR A 27 3.70 2.15 6.50
C THR A 27 4.12 0.97 7.34
N PHE A 28 3.21 0.53 8.23
CA PHE A 28 3.52 -0.60 9.09
C PHE A 28 3.78 -1.86 8.30
N PHE A 29 2.95 -2.14 7.29
CA PHE A 29 3.12 -3.39 6.55
C PHE A 29 4.50 -3.44 5.91
N VAL A 30 4.95 -2.31 5.36
CA VAL A 30 6.29 -2.27 4.78
C VAL A 30 7.36 -2.42 5.87
N THR A 31 7.31 -1.59 6.90
CA THR A 31 8.43 -1.60 7.85
C THR A 31 8.56 -2.94 8.57
N SER A 32 7.43 -3.49 9.00
CA SER A 32 7.40 -4.78 9.69
C SER A 32 7.90 -5.92 8.84
N GLY A 33 7.80 -5.82 7.52
CA GLY A 33 8.16 -6.91 6.63
C GLY A 33 6.98 -7.68 6.10
N LEU A 34 5.78 -7.39 6.59
CA LEU A 34 4.58 -8.08 6.12
C LEU A 34 4.44 -7.99 4.60
N THR A 35 4.81 -6.84 4.01
CA THR A 35 4.55 -6.61 2.59
C THR A 35 5.27 -7.56 1.68
N ASN A 36 6.34 -8.18 2.16
CA ASN A 36 7.10 -9.11 1.34
C ASN A 36 6.91 -10.55 1.76
N LYS A 37 5.92 -10.84 2.60
CA LYS A 37 5.71 -12.22 2.96
C LYS A 37 4.79 -12.94 1.96
N SER A 38 4.96 -14.26 1.85
CA SER A 38 4.05 -15.05 1.01
C SER A 38 2.61 -14.92 1.46
N ASP A 39 1.68 -15.14 0.50
CA ASP A 39 0.26 -15.19 0.83
C ASP A 39 -0.02 -16.18 1.96
N ALA A 40 0.62 -17.35 1.94
CA ALA A 40 0.38 -18.34 2.99
C ALA A 40 0.88 -17.84 4.35
N ASN A 41 2.01 -17.12 4.39
CA ASN A 41 2.44 -16.51 5.65
C ASN A 41 1.46 -15.44 6.10
N LEU A 42 0.88 -14.72 5.15
CA LEU A 42 -0.13 -13.73 5.56
C LEU A 42 -1.38 -14.42 6.10
N ALA A 43 -1.71 -15.63 5.59
CA ALA A 43 -2.85 -16.34 6.19
C ALA A 43 -2.52 -16.80 7.63
N LYS A 44 -1.25 -17.16 7.86
CA LYS A 44 -0.76 -17.41 9.24
C LYS A 44 -0.98 -16.21 10.12
N VAL A 45 -0.56 -15.03 9.65
CA VAL A 45 -0.70 -13.83 10.46
C VAL A 45 -2.17 -13.53 10.73
N PHE A 46 -3.02 -13.78 9.73
CA PHE A 46 -4.47 -13.58 9.87
C PHE A 46 -5.00 -14.44 11.00
N ASP A 47 -4.55 -15.70 11.06
CA ASP A 47 -4.99 -16.61 12.12
C ASP A 47 -4.62 -16.06 13.50
N ILE A 48 -3.41 -15.50 13.62
CA ILE A 48 -3.01 -14.88 14.89
C ILE A 48 -3.94 -13.72 15.23
N LEU A 49 -4.23 -12.87 14.24
CA LEU A 49 -5.01 -11.64 14.51
C LEU A 49 -6.46 -11.94 14.86
N ASP A 50 -7.01 -13.03 14.34
CA ASP A 50 -8.43 -13.38 14.54
C ASP A 50 -8.56 -14.10 15.89
N GLN A 51 -8.52 -13.32 16.95
CA GLN A 51 -8.38 -13.90 18.30
C GLN A 51 -9.58 -14.76 18.69
N ASP A 52 -10.81 -14.40 18.24
CA ASP A 52 -11.97 -15.16 18.65
C ASP A 52 -12.35 -16.26 17.67
N ARG A 53 -11.51 -16.51 16.66
CA ARG A 53 -11.71 -17.58 15.67
C ARG A 53 -13.00 -17.43 14.86
N SER A 54 -13.49 -16.20 14.71
CA SER A 54 -14.72 -15.94 13.96
C SER A 54 -14.56 -16.08 12.46
N GLY A 55 -13.32 -16.11 11.94
CA GLY A 55 -13.09 -16.07 10.52
C GLY A 55 -12.93 -14.69 9.96
N PHE A 56 -13.02 -13.66 10.81
CA PHE A 56 -12.92 -12.28 10.38
C PHE A 56 -12.19 -11.52 11.44
N ILE A 57 -11.49 -10.49 11.03
CA ILE A 57 -10.92 -9.53 11.96
C ILE A 57 -11.96 -8.43 12.14
N GLU A 58 -12.63 -8.41 13.28
CA GLU A 58 -13.58 -7.36 13.60
C GLU A 58 -12.86 -6.15 14.19
N VAL A 59 -13.63 -5.06 14.37
CA VAL A 59 -12.99 -3.81 14.73
C VAL A 59 -12.36 -3.93 16.10
N ASP A 60 -12.93 -4.74 17.01
CA ASP A 60 -12.30 -4.86 18.32
C ASP A 60 -10.93 -5.55 18.23
N GLU A 61 -10.76 -6.45 17.26
CA GLU A 61 -9.48 -7.09 17.01
C GLU A 61 -8.56 -6.17 16.27
N LEU A 62 -9.09 -5.24 15.46
CA LEU A 62 -8.17 -4.28 14.83
C LEU A 62 -7.64 -3.28 15.81
N LYS A 63 -8.44 -2.87 16.79
CA LYS A 63 -7.94 -1.97 17.83
C LYS A 63 -6.74 -2.57 18.54
N LEU A 64 -6.68 -3.90 18.63
CA LEU A 64 -5.60 -4.61 19.30
C LEU A 64 -4.53 -5.14 18.33
N PHE A 65 -4.52 -4.64 17.09
CA PHE A 65 -3.65 -5.16 16.04
C PHE A 65 -2.18 -5.24 16.48
N LEU A 66 -1.66 -4.12 17.02
CA LEU A 66 -0.22 -4.08 17.33
C LEU A 66 0.16 -5.05 18.43
N GLN A 67 -0.79 -5.45 19.30
CA GLN A 67 -0.48 -6.33 20.41
C GLN A 67 -0.21 -7.77 19.97
N ASN A 68 -0.51 -8.10 18.73
CA ASN A 68 -0.12 -9.38 18.14
C ASN A 68 1.34 -9.39 17.75
N PHE A 69 1.99 -8.23 17.66
CA PHE A 69 3.39 -8.13 17.30
C PHE A 69 4.28 -7.89 18.52
N SER A 70 3.76 -7.18 19.52
CA SER A 70 4.41 -7.11 20.83
C SER A 70 3.32 -6.99 21.87
N ALA A 71 3.35 -7.89 22.86
CA ALA A 71 2.27 -7.93 23.83
C ALA A 71 1.99 -6.59 24.54
N THR A 72 3.00 -5.74 24.68
CA THR A 72 2.90 -4.48 25.41
C THR A 72 2.69 -3.26 24.50
N ALA A 73 2.45 -3.46 23.20
CA ALA A 73 2.22 -2.29 22.31
C ALA A 73 0.90 -1.60 22.65
N ARG A 74 0.73 -0.41 22.07
CA ARG A 74 -0.49 0.37 22.35
C ARG A 74 -1.67 -0.11 21.51
N GLU A 75 -2.85 0.27 21.96
CA GLU A 75 -4.07 0.13 21.15
C GLU A 75 -4.08 1.14 20.02
N LEU A 76 -4.70 0.76 18.90
CA LEU A 76 -4.99 1.77 17.87
C LEU A 76 -6.14 2.65 18.31
N ASP A 77 -6.12 3.91 17.85
CA ASP A 77 -7.25 4.77 18.13
C ASP A 77 -8.36 4.56 17.08
N GLU A 78 -9.49 5.27 17.26
CA GLU A 78 -10.63 5.02 16.38
C GLU A 78 -10.37 5.44 14.94
N THR A 79 -9.75 6.60 14.72
CA THR A 79 -9.40 7.01 13.35
C THR A 79 -8.53 5.96 12.67
N GLU A 80 -7.56 5.42 13.42
CA GLU A 80 -6.64 4.44 12.87
C GLU A 80 -7.36 3.12 12.56
N THR A 81 -8.22 2.68 13.49
CA THR A 81 -8.98 1.47 13.24
C THR A 81 -9.93 1.65 12.06
N ASN A 82 -10.59 2.82 11.98
CA ASN A 82 -11.52 3.08 10.88
C ASN A 82 -10.80 3.06 9.53
N ALA A 83 -9.63 3.70 9.47
CA ALA A 83 -8.89 3.75 8.21
C ALA A 83 -8.42 2.36 7.81
N PHE A 84 -7.96 1.56 8.78
CA PHE A 84 -7.56 0.18 8.51
C PHE A 84 -8.73 -0.59 7.91
N LEU A 85 -9.87 -0.55 8.56
CA LEU A 85 -11.05 -1.25 8.08
C LEU A 85 -11.44 -0.77 6.68
N ALA A 86 -11.41 0.55 6.44
CA ALA A 86 -11.86 1.06 5.15
C ALA A 86 -10.92 0.67 4.02
N ALA A 87 -9.63 0.51 4.31
CA ALA A 87 -8.68 0.14 3.28
C ALA A 87 -8.87 -1.32 2.87
N GLY A 88 -9.29 -2.16 3.80
CA GLY A 88 -9.27 -3.58 3.53
C GLY A 88 -10.64 -4.17 3.29
N ASP A 89 -11.73 -3.52 3.74
CA ASP A 89 -13.07 -4.13 3.73
C ASP A 89 -13.73 -3.94 2.35
N SER A 90 -13.21 -4.67 1.37
CA SER A 90 -13.66 -4.46 0.00
C SER A 90 -15.05 -5.00 -0.22
N ASP A 91 -15.51 -5.96 0.58
CA ASP A 91 -16.87 -6.43 0.38
C ASP A 91 -17.87 -5.72 1.29
N HIS A 92 -17.44 -4.70 2.02
CA HIS A 92 -18.34 -3.79 2.75
C HIS A 92 -19.17 -4.51 3.81
N ASP A 93 -18.62 -5.50 4.47
CA ASP A 93 -19.38 -6.17 5.54
C ASP A 93 -18.94 -5.74 6.94
N GLY A 94 -18.03 -4.76 7.04
CA GLY A 94 -17.67 -4.20 8.32
C GLY A 94 -16.51 -4.88 9.02
N LYS A 95 -15.90 -5.87 8.37
CA LYS A 95 -14.86 -6.69 9.01
C LYS A 95 -13.92 -7.16 7.90
N ILE A 96 -12.78 -7.73 8.28
CA ILE A 96 -11.73 -8.10 7.33
C ILE A 96 -11.63 -9.62 7.30
N GLY A 97 -11.88 -10.22 6.13
CA GLY A 97 -11.63 -11.64 5.95
C GLY A 97 -10.22 -11.91 5.43
N VAL A 98 -9.87 -13.21 5.33
CA VAL A 98 -8.46 -13.53 5.07
C VAL A 98 -8.04 -13.11 3.68
N ASP A 99 -8.92 -13.28 2.68
CA ASP A 99 -8.56 -12.80 1.35
C ASP A 99 -8.36 -11.30 1.35
N GLU A 100 -9.25 -10.56 2.05
CA GLU A 100 -9.08 -9.11 2.13
C GLU A 100 -7.76 -8.73 2.76
N PHE A 101 -7.37 -9.47 3.79
CA PHE A 101 -6.14 -9.15 4.50
C PHE A 101 -4.93 -9.36 3.60
N LYS A 102 -4.86 -10.54 2.96
CA LYS A 102 -3.77 -10.83 2.04
C LYS A 102 -3.70 -9.77 0.94
N ALA A 103 -4.86 -9.36 0.39
CA ALA A 103 -4.85 -8.38 -0.70
C ALA A 103 -4.37 -7.02 -0.23
N MET A 104 -4.86 -6.56 0.93
CA MET A 104 -4.53 -5.21 1.35
C MET A 104 -3.09 -5.07 1.76
N VAL A 105 -2.44 -6.15 2.17
CA VAL A 105 -1.07 -6.01 2.56
C VAL A 105 -0.21 -5.77 1.33
N LYS A 106 -0.60 -6.34 0.16
CA LYS A 106 0.25 -6.28 -1.03
C LYS A 106 -0.34 -5.51 -2.21
N ALA A 107 -1.62 -5.15 -2.19
CA ALA A 107 -2.23 -4.43 -3.32
C ALA A 107 -3.23 -3.36 -2.88
N GLY B 1 12.00 19.22 -11.54
CA GLY B 1 12.01 19.07 -12.98
C GLY B 1 11.69 17.65 -13.43
N SER B 2 12.70 17.00 -14.00
CA SER B 2 12.49 15.64 -14.48
C SER B 2 12.25 14.71 -13.30
N ILE B 3 11.90 13.46 -13.61
CA ILE B 3 11.55 12.53 -12.55
C ILE B 3 12.72 12.24 -11.61
N THR B 4 13.96 12.37 -12.08
CA THR B 4 15.11 12.12 -11.18
C THR B 4 15.45 13.34 -10.34
N THR B 5 14.65 14.42 -10.40
CA THR B 5 14.72 15.42 -9.35
C THR B 5 13.87 15.02 -8.16
N VAL B 6 13.02 13.99 -8.32
CA VAL B 6 12.16 13.46 -7.27
C VAL B 6 12.70 12.18 -6.67
N LEU B 7 13.11 11.25 -7.56
CA LEU B 7 13.48 9.90 -7.21
C LEU B 7 14.92 9.64 -7.64
N ASN B 8 15.51 8.58 -7.09
CA ASN B 8 16.84 8.14 -7.49
C ASN B 8 16.76 7.24 -8.71
N ALA B 9 17.69 7.46 -9.66
CA ALA B 9 17.67 6.68 -10.89
C ALA B 9 17.84 5.19 -10.60
N THR B 10 18.64 4.84 -9.58
CA THR B 10 18.87 3.43 -9.33
C THR B 10 17.60 2.76 -8.84
N ASP B 11 16.81 3.48 -8.02
CA ASP B 11 15.55 2.97 -7.51
C ASP B 11 14.54 2.82 -8.63
N ILE B 12 14.51 3.80 -9.53
CA ILE B 12 13.64 3.71 -10.70
C ILE B 12 13.99 2.46 -11.51
N ALA B 13 15.30 2.26 -11.76
CA ALA B 13 15.75 1.11 -12.56
C ALA B 13 15.30 -0.18 -11.91
N LYS B 14 15.45 -0.27 -10.59
CA LYS B 14 15.05 -1.49 -9.92
C LYS B 14 13.53 -1.67 -9.96
N ALA B 15 12.77 -0.60 -9.75
CA ALA B 15 11.32 -0.73 -9.80
C ALA B 15 10.86 -1.16 -11.18
N LEU B 16 11.50 -0.63 -12.24
CA LEU B 16 11.13 -1.01 -13.60
C LEU B 16 11.50 -2.46 -13.89
N ALA B 17 12.71 -2.89 -13.50
CA ALA B 17 13.09 -4.25 -13.84
C ALA B 17 12.19 -5.26 -13.15
N GLN B 18 11.77 -4.95 -11.95
CA GLN B 18 11.00 -5.93 -11.18
C GLN B 18 9.55 -6.02 -11.66
N CYS B 19 9.06 -5.04 -12.41
CA CYS B 19 7.72 -5.16 -12.98
C CYS B 19 7.71 -5.43 -14.48
N ALA B 20 8.86 -5.73 -15.11
CA ALA B 20 8.82 -6.06 -16.53
C ALA B 20 7.74 -7.10 -16.82
N GLY B 21 7.64 -8.14 -15.96
CA GLY B 21 6.66 -9.19 -16.21
C GLY B 21 5.28 -8.85 -15.72
N SER B 22 5.20 -8.36 -14.49
CA SER B 22 3.95 -8.18 -13.78
C SER B 22 4.06 -6.94 -12.91
N PHE B 23 3.18 -5.96 -13.09
CA PHE B 23 3.23 -4.75 -12.30
C PHE B 23 2.21 -4.78 -11.17
N ASN B 24 2.62 -4.25 -10.02
CA ASN B 24 1.76 -4.06 -8.85
C ASN B 24 2.04 -2.65 -8.35
N HIS B 25 0.99 -1.83 -8.22
CA HIS B 25 1.25 -0.42 -7.98
C HIS B 25 1.91 -0.19 -6.61
N LYS B 26 1.51 -0.95 -5.58
CA LYS B 26 2.10 -0.77 -4.25
C LYS B 26 3.56 -1.19 -4.26
N THR B 27 3.86 -2.31 -4.92
CA THR B 27 5.25 -2.73 -5.03
C THR B 27 6.08 -1.63 -5.69
N PHE B 28 5.56 -1.08 -6.79
CA PHE B 28 6.27 -0.03 -7.51
C PHE B 28 6.45 1.22 -6.66
N PHE B 29 5.40 1.62 -5.94
CA PHE B 29 5.51 2.84 -5.15
C PHE B 29 6.60 2.71 -4.10
N VAL B 30 6.71 1.54 -3.47
CA VAL B 30 7.78 1.32 -2.49
C VAL B 30 9.16 1.26 -3.16
N THR B 31 9.35 0.40 -4.16
CA THR B 31 10.70 0.24 -4.71
C THR B 31 11.24 1.53 -5.32
N SER B 32 10.38 2.22 -6.05
CA SER B 32 10.77 3.46 -6.72
C SER B 32 11.15 4.58 -5.76
N GLY B 33 10.62 4.57 -4.53
CA GLY B 33 10.81 5.64 -3.58
C GLY B 33 9.62 6.55 -3.42
N LEU B 34 8.61 6.40 -4.26
CA LEU B 34 7.45 7.28 -4.16
C LEU B 34 6.81 7.23 -2.78
N THR B 35 6.74 6.05 -2.15
CA THR B 35 5.96 5.94 -0.91
C THR B 35 6.52 6.77 0.21
N ASN B 36 7.78 7.21 0.11
CA ASN B 36 8.40 8.00 1.15
C ASN B 36 8.62 9.45 0.74
N LYS B 37 8.05 9.89 -0.37
CA LYS B 37 8.16 11.29 -0.73
C LYS B 37 7.07 12.12 -0.05
N SER B 38 7.39 13.40 0.17
CA SER B 38 6.42 14.33 0.74
C SER B 38 5.17 14.42 -0.12
N ASP B 39 4.03 14.77 0.50
CA ASP B 39 2.82 15.05 -0.27
C ASP B 39 3.08 16.06 -1.42
N ALA B 40 3.83 17.12 -1.17
CA ALA B 40 4.05 18.12 -2.22
C ALA B 40 4.86 17.52 -3.38
N ASN B 41 5.81 16.65 -3.08
CA ASN B 41 6.52 15.94 -4.16
C ASN B 41 5.57 15.02 -4.93
N LEU B 42 4.61 14.41 -4.24
CA LEU B 42 3.62 13.60 -4.97
C LEU B 42 2.70 14.45 -5.83
N ALA B 43 2.41 15.70 -5.42
CA ALA B 43 1.65 16.56 -6.33
C ALA B 43 2.46 16.92 -7.58
N LYS B 44 3.79 17.09 -7.41
CA LYS B 44 4.70 17.22 -8.56
C LYS B 44 4.59 16.02 -9.50
N VAL B 45 4.68 14.82 -8.93
CA VAL B 45 4.61 13.62 -9.77
C VAL B 45 3.26 13.56 -10.48
N PHE B 46 2.18 13.93 -9.78
CA PHE B 46 0.86 13.95 -10.39
C PHE B 46 0.85 14.86 -11.62
N ASP B 47 1.47 16.04 -11.51
CA ASP B 47 1.51 16.98 -12.64
C ASP B 47 2.21 16.35 -13.84
N ILE B 48 3.30 15.63 -13.60
CA ILE B 48 3.99 14.91 -14.68
C ILE B 48 3.07 13.89 -15.31
N LEU B 49 2.33 13.13 -14.49
CA LEU B 49 1.53 12.01 -15.02
C LEU B 49 0.32 12.51 -15.79
N ASP B 50 -0.21 13.68 -15.45
CA ASP B 50 -1.43 14.23 -16.06
C ASP B 50 -1.05 14.94 -17.37
N GLN B 51 -0.74 14.11 -18.37
CA GLN B 51 -0.09 14.60 -19.58
C GLN B 51 -0.99 15.59 -20.32
N ASP B 52 -2.30 15.38 -20.32
CA ASP B 52 -3.19 16.28 -21.07
C ASP B 52 -3.72 17.47 -20.25
N ARG B 53 -3.23 17.66 -19.02
CA ARG B 53 -3.61 18.79 -18.16
C ARG B 53 -5.11 18.81 -17.82
N SER B 54 -5.77 17.65 -17.80
CA SER B 54 -7.20 17.55 -17.52
C SER B 54 -7.52 17.70 -16.04
N GLY B 55 -6.53 17.62 -15.16
CA GLY B 55 -6.78 17.59 -13.73
C GLY B 55 -6.96 16.20 -13.15
N PHE B 56 -6.92 15.18 -14.00
CA PHE B 56 -7.13 13.81 -13.58
C PHE B 56 -6.20 12.92 -14.38
N ILE B 57 -5.81 11.80 -13.78
CA ILE B 57 -5.09 10.74 -14.50
C ILE B 57 -6.15 9.79 -15.04
N GLU B 58 -6.34 9.78 -16.36
CA GLU B 58 -7.27 8.88 -17.04
C GLU B 58 -6.56 7.61 -17.49
N VAL B 59 -7.30 6.68 -18.11
CA VAL B 59 -6.74 5.35 -18.39
C VAL B 59 -5.61 5.44 -19.39
N ASP B 60 -5.70 6.35 -20.38
CA ASP B 60 -4.61 6.46 -21.35
C ASP B 60 -3.33 6.89 -20.67
N GLU B 61 -3.44 7.71 -19.63
CA GLU B 61 -2.26 8.12 -18.87
C GLU B 61 -1.80 7.04 -17.93
N LEU B 62 -2.70 6.20 -17.44
CA LEU B 62 -2.24 5.07 -16.65
C LEU B 62 -1.54 4.03 -17.52
N LYS B 63 -1.99 3.84 -18.77
CA LYS B 63 -1.30 2.91 -19.66
C LYS B 63 0.15 3.30 -19.83
N LEU B 64 0.42 4.59 -19.81
CA LEU B 64 1.75 5.15 -20.01
C LEU B 64 2.46 5.46 -18.71
N PHE B 65 1.94 4.98 -17.58
CA PHE B 65 2.47 5.37 -16.28
C PHE B 65 3.98 5.20 -16.19
N LEU B 66 4.49 4.01 -16.56
CA LEU B 66 5.92 3.75 -16.39
C LEU B 66 6.78 4.61 -17.29
N GLN B 67 6.21 5.11 -18.41
CA GLN B 67 7.02 5.90 -19.34
C GLN B 67 7.32 7.30 -18.81
N ASN B 68 6.68 7.71 -17.73
CA ASN B 68 7.04 8.94 -17.02
C ASN B 68 8.30 8.75 -16.19
N PHE B 69 8.68 7.51 -15.94
CA PHE B 69 9.87 7.21 -15.15
C PHE B 69 11.05 6.82 -16.03
N SER B 70 10.80 6.13 -17.15
CA SER B 70 11.80 5.92 -18.19
C SER B 70 11.07 5.95 -19.51
N ALA B 71 11.53 6.81 -20.43
CA ALA B 71 10.83 6.98 -21.71
C ALA B 71 10.67 5.68 -22.50
N THR B 72 11.54 4.71 -22.28
CA THR B 72 11.56 3.44 -23.01
C THR B 72 10.91 2.29 -22.24
N ALA B 73 10.24 2.56 -21.11
CA ALA B 73 9.58 1.48 -20.35
C ALA B 73 8.38 0.95 -21.11
N ARG B 74 7.86 -0.19 -20.66
CA ARG B 74 6.69 -0.79 -21.32
C ARG B 74 5.36 -0.10 -20.90
N GLU B 75 4.32 -0.29 -21.73
CA GLU B 75 2.95 0.07 -21.33
C GLU B 75 2.37 -0.90 -20.28
N LEU B 76 1.49 -0.38 -19.41
CA LEU B 76 0.71 -1.25 -18.54
C LEU B 76 -0.43 -1.89 -19.32
N ASP B 77 -0.78 -3.12 -18.93
CA ASP B 77 -1.89 -3.83 -19.54
C ASP B 77 -3.19 -3.44 -18.82
N GLU B 78 -4.31 -3.94 -19.36
CA GLU B 78 -5.61 -3.52 -18.82
C GLU B 78 -5.83 -4.03 -17.41
N THR B 79 -5.37 -5.25 -17.11
CA THR B 79 -5.49 -5.74 -15.74
C THR B 79 -4.78 -4.80 -14.78
N GLU B 80 -3.59 -4.33 -15.20
CA GLU B 80 -2.78 -3.47 -14.35
C GLU B 80 -3.41 -2.09 -14.21
N THR B 81 -3.91 -1.50 -15.30
CA THR B 81 -4.57 -0.22 -15.13
C THR B 81 -5.87 -0.37 -14.33
N ASN B 82 -6.60 -1.49 -14.54
CA ASN B 82 -7.82 -1.74 -13.74
C ASN B 82 -7.49 -1.79 -12.25
N ALA B 83 -6.41 -2.50 -11.89
CA ALA B 83 -6.01 -2.64 -10.48
C ALA B 83 -5.57 -1.31 -9.90
N PHE B 84 -4.88 -0.50 -10.71
CA PHE B 84 -4.47 0.84 -10.29
C PHE B 84 -5.71 1.68 -9.93
N LEU B 85 -6.70 1.67 -10.81
CA LEU B 85 -7.98 2.32 -10.49
C LEU B 85 -8.67 1.69 -9.29
N ALA B 86 -8.66 0.35 -9.18
CA ALA B 86 -9.41 -0.24 -8.07
C ALA B 86 -8.81 0.18 -6.73
N ALA B 87 -7.52 0.44 -6.73
CA ALA B 87 -6.80 0.88 -5.53
C ALA B 87 -7.02 2.37 -5.23
N GLY B 88 -7.07 3.22 -6.25
CA GLY B 88 -7.02 4.66 -6.07
C GLY B 88 -8.29 5.47 -6.33
N ASP B 89 -9.20 4.94 -7.16
CA ASP B 89 -10.38 5.72 -7.59
C ASP B 89 -11.49 5.61 -6.55
N SER B 90 -11.30 6.32 -5.43
CA SER B 90 -12.21 6.15 -4.30
C SER B 90 -13.58 6.75 -4.53
N ASP B 91 -13.73 7.73 -5.43
CA ASP B 91 -15.03 8.31 -5.73
C ASP B 91 -15.70 7.69 -6.96
N HIS B 92 -15.12 6.64 -7.53
CA HIS B 92 -15.75 5.85 -8.60
C HIS B 92 -16.13 6.70 -9.81
N ASP B 93 -15.29 7.68 -10.13
CA ASP B 93 -15.52 8.48 -11.32
C ASP B 93 -14.66 8.03 -12.51
N GLY B 94 -13.89 6.95 -12.37
CA GLY B 94 -13.16 6.37 -13.47
C GLY B 94 -11.75 6.90 -13.64
N LYS B 95 -11.30 7.80 -12.76
CA LYS B 95 -10.04 8.50 -12.95
C LYS B 95 -9.44 8.79 -11.58
N ILE B 96 -8.18 9.22 -11.59
CA ILE B 96 -7.42 9.47 -10.36
C ILE B 96 -7.16 10.97 -10.27
N GLY B 97 -7.71 11.62 -9.21
CA GLY B 97 -7.39 13.01 -8.93
C GLY B 97 -6.20 13.11 -7.97
N VAL B 98 -5.75 14.36 -7.74
CA VAL B 98 -4.47 14.53 -7.03
C VAL B 98 -4.57 14.03 -5.59
N ASP B 99 -5.69 14.29 -4.91
CA ASP B 99 -5.84 13.78 -3.56
C ASP B 99 -5.87 12.25 -3.55
N GLU B 100 -6.56 11.65 -4.51
CA GLU B 100 -6.60 10.19 -4.60
C GLU B 100 -5.20 9.62 -4.80
N PHE B 101 -4.40 10.29 -5.63
CA PHE B 101 -3.04 9.82 -5.88
C PHE B 101 -2.19 9.90 -4.62
N LYS B 102 -2.18 11.06 -3.97
CA LYS B 102 -1.38 11.19 -2.75
C LYS B 102 -1.78 10.14 -1.71
N ALA B 103 -3.09 9.89 -1.57
CA ALA B 103 -3.56 8.91 -0.58
C ALA B 103 -3.15 7.48 -0.95
N MET B 104 -3.26 7.10 -2.22
CA MET B 104 -2.96 5.70 -2.55
C MET B 104 -1.47 5.41 -2.50
N VAL B 105 -0.63 6.41 -2.70
CA VAL B 105 0.80 6.15 -2.63
C VAL B 105 1.23 5.93 -1.19
N LYS B 106 0.54 6.56 -0.22
CA LYS B 106 0.95 6.48 1.19
C LYS B 106 -0.15 5.93 2.12
CA CA C . -15.04 -7.57 4.61
CA CA D . -12.47 -12.42 14.88
S SO4 E . -5.18 1.75 0.99
O1 SO4 E . -6.60 1.65 0.65
O2 SO4 E . -4.50 2.67 0.05
O3 SO4 E . -4.59 0.39 0.94
O4 SO4 E . -4.99 2.32 2.34
S SO4 F . -3.85 3.23 25.47
O1 SO4 F . -3.90 4.27 24.45
O2 SO4 F . -3.32 2.00 24.86
O3 SO4 F . -5.21 3.05 25.99
O4 SO4 F . -3.01 3.67 26.62
S SO4 G . 8.70 -15.92 1.49
O1 SO4 G . 8.20 -15.70 0.10
O2 SO4 G . 9.06 -17.31 1.69
O3 SO4 G . 9.93 -15.13 1.73
O4 SO4 G . 7.67 -15.49 2.47
CA CA H . -5.24 13.75 -17.67
CA CA I . -11.54 9.34 -8.89
S SO4 J . -4.21 -6.47 -22.43
O1 SO4 J . -5.42 -6.70 -23.25
O2 SO4 J . -2.98 -6.74 -23.20
O3 SO4 J . -4.19 -5.06 -22.03
O4 SO4 J . -4.23 -7.38 -21.27
#